data_1CIM
#
_entry.id   1CIM
#
_cell.length_a   42.720
_cell.length_b   41.930
_cell.length_c   72.690
_cell.angle_alpha   90.00
_cell.angle_beta   104.77
_cell.angle_gamma   90.00
#
_symmetry.space_group_name_H-M   'P 1 21 1'
#
loop_
_entity.id
_entity.type
_entity.pdbx_description
1 polymer 'CARBONIC ANHYDRASE II'
2 non-polymer 'ZINC ION'
3 non-polymer 'METHYL MERCURY ION'
4 non-polymer '(4S-TRANS)-4-(AMINO)-5,6-DIHYDRO-6-METHYL-4H-THIENO (2,3-B)THIOPYRAN-2-SULFONAMIDE-7,7-DIOXIDE'
5 water water
#
_entity_poly.entity_id   1
_entity_poly.type   'polypeptide(L)'
_entity_poly.pdbx_seq_one_letter_code
;SHHWGYGKHNGPEHWHKDFPIAKGERQSPVDIDTHTAKYDPSLKPLSVSYDQATSLRILNNGHAFNVEFDDSQDKAVLKG
GPLDGTYRLIQFHFHWGSLDGQGSEHTVDKKKYAAELHLVHWNTKYGDFGKAVQQPDGLAVLGIFLKVGSAKPGLQKVVD
VLDSIKTKGKSADFTNFDPRGLLPESLDYWTYPGSLTTPPLLECVTWIVLKEPISVSSEQVLKFRKLNFNGEGEPEELMV
DNWRPAQPLKNRQIKASFK
;
_entity_poly.pdbx_strand_id   A
#
loop_
_chem_comp.id
_chem_comp.type
_chem_comp.name
_chem_comp.formula
MMC non-polymer 'METHYL MERCURY ION' 'C H3 Hg 1'
PTS non-polymer '(4S-TRANS)-4-(AMINO)-5,6-DIHYDRO-6-METHYL-4H-THIENO (2,3-B)THIOPYRAN-2-SULFONAMIDE-7,7-DIOXIDE' 'C8 H12 N2 O4 S3'
ZN non-polymer 'ZINC ION' 'Zn 2'
#
# COMPACT_ATOMS: atom_id res chain seq x y z
N HIS A 3 0.37 20.67 8.15
CA HIS A 3 0.43 19.24 8.32
C HIS A 3 1.14 18.62 7.12
N TRP A 4 1.54 17.39 7.32
CA TRP A 4 2.36 16.67 6.36
C TRP A 4 1.67 16.53 5.03
N GLY A 5 2.46 16.46 3.98
CA GLY A 5 1.95 16.19 2.66
C GLY A 5 3.13 15.68 1.87
N TYR A 6 3.14 16.04 0.60
CA TYR A 6 4.17 15.61 -0.29
C TYR A 6 4.73 16.76 -1.09
N GLY A 7 4.44 18.01 -0.72
CA GLY A 7 5.01 19.15 -1.44
C GLY A 7 6.39 19.50 -0.91
N LYS A 8 6.94 20.60 -1.46
CA LYS A 8 8.27 21.10 -1.07
C LYS A 8 8.35 21.47 0.39
N HIS A 9 7.27 22.03 0.94
CA HIS A 9 7.32 22.51 2.30
C HIS A 9 6.90 21.55 3.39
N ASN A 10 6.14 20.51 3.06
CA ASN A 10 5.62 19.60 4.07
C ASN A 10 5.85 18.15 3.73
N GLY A 11 6.75 17.93 2.74
CA GLY A 11 6.99 16.61 2.16
C GLY A 11 7.87 15.67 2.97
N PRO A 12 8.27 14.48 2.46
CA PRO A 12 8.90 13.40 3.21
C PRO A 12 10.12 13.82 4.02
N GLU A 13 10.93 14.67 3.39
CA GLU A 13 12.13 15.18 4.03
C GLU A 13 11.90 16.07 5.26
N HIS A 14 10.67 16.51 5.49
CA HIS A 14 10.33 17.34 6.63
C HIS A 14 9.66 16.51 7.71
N TRP A 15 9.27 15.26 7.45
CA TRP A 15 8.40 14.56 8.39
C TRP A 15 9.04 14.27 9.72
N HIS A 16 10.36 14.15 9.76
CA HIS A 16 11.08 13.83 10.99
C HIS A 16 10.83 14.84 12.09
N LYS A 17 10.64 16.13 11.75
CA LYS A 17 10.44 17.17 12.75
C LYS A 17 9.18 16.90 13.58
N ASP A 18 8.13 16.35 13.00
CA ASP A 18 6.94 16.04 13.78
C ASP A 18 6.83 14.56 14.15
N PHE A 19 7.44 13.66 13.37
CA PHE A 19 7.38 12.24 13.66
C PHE A 19 8.84 11.79 13.72
N PRO A 20 9.55 11.96 14.85
CA PRO A 20 10.97 11.67 14.94
C PRO A 20 11.32 10.25 14.56
N ILE A 21 10.38 9.29 14.63
CA ILE A 21 10.67 7.95 14.17
C ILE A 21 10.96 7.88 12.67
N ALA A 22 10.70 8.92 11.88
CA ALA A 22 11.06 8.92 10.46
C ALA A 22 12.52 8.63 10.22
N LYS A 23 13.39 8.80 11.23
CA LYS A 23 14.83 8.54 11.11
C LYS A 23 15.16 7.19 11.75
N GLY A 24 14.19 6.35 12.07
CA GLY A 24 14.44 5.16 12.86
C GLY A 24 15.11 4.02 12.12
N GLU A 25 14.99 2.87 12.78
CA GLU A 25 15.64 1.64 12.38
C GLU A 25 14.95 0.77 11.36
N ARG A 26 13.63 0.59 11.36
CA ARG A 26 12.96 -0.24 10.36
C ARG A 26 11.92 0.53 9.57
N GLN A 27 12.39 1.56 8.86
CA GLN A 27 11.54 2.41 8.07
C GLN A 27 11.39 1.83 6.68
N SER A 28 10.24 2.19 6.09
CA SER A 28 9.85 1.73 4.77
C SER A 28 9.51 2.93 3.87
N PRO A 29 9.53 2.89 2.53
CA PRO A 29 9.92 1.76 1.69
C PRO A 29 11.42 1.54 1.69
N VAL A 30 11.94 0.52 0.97
CA VAL A 30 13.37 0.29 0.79
C VAL A 30 13.51 -0.19 -0.64
N ASP A 31 14.73 -0.11 -1.15
CA ASP A 31 15.02 -0.67 -2.45
C ASP A 31 15.25 -2.15 -2.26
N ILE A 32 14.68 -3.00 -3.09
CA ILE A 32 14.91 -4.42 -2.99
C ILE A 32 16.04 -4.77 -3.96
N ASP A 33 17.21 -5.07 -3.40
CA ASP A 33 18.34 -5.52 -4.20
C ASP A 33 18.13 -7.02 -4.36
N THR A 34 17.77 -7.46 -5.57
CA THR A 34 17.46 -8.85 -5.84
C THR A 34 18.63 -9.80 -5.73
N HIS A 35 19.84 -9.29 -5.89
CA HIS A 35 21.05 -10.11 -5.77
C HIS A 35 21.55 -10.21 -4.33
N THR A 36 20.87 -9.61 -3.36
CA THR A 36 21.32 -9.70 -1.99
C THR A 36 20.15 -10.17 -1.11
N ALA A 37 18.97 -10.33 -1.70
CA ALA A 37 17.82 -10.82 -0.96
C ALA A 37 18.11 -12.32 -0.78
N LYS A 38 17.84 -12.90 0.38
CA LYS A 38 18.21 -14.27 0.60
C LYS A 38 17.03 -15.17 0.38
N TYR A 39 17.21 -16.17 -0.47
CA TYR A 39 16.20 -17.20 -0.65
C TYR A 39 15.99 -17.92 0.67
N ASP A 40 14.78 -17.99 1.21
CA ASP A 40 14.62 -18.69 2.46
C ASP A 40 13.63 -19.81 2.25
N PRO A 41 14.11 -21.05 2.13
CA PRO A 41 13.26 -22.19 1.84
C PRO A 41 12.30 -22.49 2.99
N SER A 42 12.42 -21.93 4.19
CA SER A 42 11.43 -22.25 5.21
C SER A 42 10.20 -21.37 5.13
N LEU A 43 10.15 -20.41 4.20
CA LEU A 43 9.02 -19.50 4.12
C LEU A 43 7.88 -20.24 3.46
N LYS A 44 6.75 -20.35 4.15
CA LYS A 44 5.53 -20.96 3.61
C LYS A 44 4.86 -20.16 2.48
N PRO A 45 4.08 -20.75 1.56
CA PRO A 45 3.37 -19.96 0.55
C PRO A 45 2.32 -19.04 1.18
N LEU A 46 2.02 -17.90 0.55
CA LEU A 46 1.01 -16.99 1.03
C LEU A 46 -0.35 -17.62 0.88
N SER A 47 -1.24 -17.33 1.82
CA SER A 47 -2.62 -17.76 1.76
C SER A 47 -3.45 -16.51 1.89
N VAL A 48 -4.06 -16.14 0.77
CA VAL A 48 -4.93 -14.99 0.64
C VAL A 48 -6.36 -15.53 0.55
N SER A 49 -7.21 -15.43 1.56
CA SER A 49 -8.60 -15.89 1.42
C SER A 49 -9.50 -14.63 1.35
N TYR A 50 -9.77 -14.16 0.13
CA TYR A 50 -10.54 -12.95 -0.06
C TYR A 50 -11.93 -13.15 -0.65
N ASP A 51 -12.43 -14.39 -0.76
CA ASP A 51 -13.76 -14.64 -1.31
C ASP A 51 -14.93 -14.11 -0.46
N GLN A 52 -14.75 -13.90 0.84
CA GLN A 52 -15.78 -13.36 1.71
C GLN A 52 -15.70 -11.86 1.92
N ALA A 53 -14.81 -11.17 1.20
CA ALA A 53 -14.59 -9.74 1.41
C ALA A 53 -15.84 -8.87 1.25
N THR A 54 -16.00 -7.89 2.16
CA THR A 54 -17.11 -6.95 2.07
C THR A 54 -16.59 -5.52 1.96
N SER A 55 -16.54 -4.91 0.78
CA SER A 55 -16.09 -3.53 0.69
C SER A 55 -17.28 -2.65 1.09
N LEU A 56 -16.98 -1.52 1.72
CA LEU A 56 -18.03 -0.65 2.19
C LEU A 56 -18.02 0.74 1.62
N ARG A 57 -16.83 1.35 1.56
CA ARG A 57 -16.66 2.76 1.26
C ARG A 57 -15.39 3.02 0.47
N ILE A 58 -15.35 4.11 -0.28
CA ILE A 58 -14.10 4.60 -0.82
C ILE A 58 -14.10 6.04 -0.33
N LEU A 59 -12.95 6.59 -0.01
CA LEU A 59 -12.84 7.89 0.62
C LEU A 59 -11.56 8.59 0.17
N ASN A 60 -11.57 9.90 -0.04
CA ASN A 60 -10.35 10.62 -0.38
C ASN A 60 -10.01 11.22 0.97
N ASN A 61 -8.78 10.96 1.44
CA ASN A 61 -8.34 11.39 2.77
C ASN A 61 -7.27 12.47 2.74
N GLY A 62 -7.03 13.08 1.57
CA GLY A 62 -6.06 14.16 1.51
C GLY A 62 -4.71 13.71 1.04
N HIS A 63 -4.41 12.42 1.16
CA HIS A 63 -3.15 11.97 0.62
C HIS A 63 -3.25 10.83 -0.38
N ALA A 64 -4.41 10.19 -0.44
CA ALA A 64 -4.66 9.05 -1.31
C ALA A 64 -6.15 8.73 -1.16
N PHE A 65 -6.68 7.69 -1.81
CA PHE A 65 -8.05 7.30 -1.57
C PHE A 65 -8.00 5.88 -0.97
N ASN A 66 -8.81 5.57 0.03
CA ASN A 66 -8.83 4.26 0.64
C ASN A 66 -10.14 3.60 0.30
N VAL A 67 -10.12 2.27 0.08
CA VAL A 67 -11.31 1.43 -0.07
C VAL A 67 -11.32 0.71 1.28
N GLU A 68 -12.39 0.83 2.05
CA GLU A 68 -12.48 0.30 3.37
C GLU A 68 -13.33 -0.95 3.35
N PHE A 69 -12.98 -1.89 4.23
CA PHE A 69 -13.62 -3.18 4.29
C PHE A 69 -14.19 -3.44 5.67
N ASP A 70 -15.22 -4.27 5.74
CA ASP A 70 -15.77 -4.67 7.01
C ASP A 70 -14.79 -5.67 7.65
N ASP A 71 -14.20 -5.35 8.79
CA ASP A 71 -13.22 -6.22 9.45
C ASP A 71 -13.70 -6.66 10.85
N SER A 72 -15.00 -6.89 11.04
CA SER A 72 -15.53 -7.27 12.33
C SER A 72 -15.50 -8.79 12.55
N GLN A 73 -15.18 -9.52 11.49
CA GLN A 73 -15.15 -10.97 11.47
C GLN A 73 -14.14 -11.30 10.40
N ASP A 74 -13.59 -12.51 10.46
CA ASP A 74 -12.58 -12.98 9.54
C ASP A 74 -13.18 -13.18 8.16
N LYS A 75 -13.37 -12.11 7.41
CA LYS A 75 -13.96 -12.19 6.09
C LYS A 75 -12.90 -12.23 5.01
N ALA A 76 -11.94 -11.32 4.96
CA ALA A 76 -10.88 -11.38 3.96
C ALA A 76 -9.63 -11.43 4.80
N VAL A 77 -8.90 -12.56 4.82
CA VAL A 77 -7.72 -12.63 5.67
C VAL A 77 -6.51 -13.08 4.89
N LEU A 78 -5.37 -12.87 5.51
CA LEU A 78 -4.07 -13.20 4.96
C LEU A 78 -3.33 -13.96 6.07
N LYS A 79 -2.76 -15.09 5.68
CA LYS A 79 -1.97 -15.89 6.57
C LYS A 79 -0.93 -16.64 5.78
N GLY A 80 -0.07 -17.43 6.41
CA GLY A 80 0.96 -18.12 5.69
C GLY A 80 2.11 -17.16 5.50
N GLY A 81 2.94 -17.42 4.49
CA GLY A 81 4.12 -16.62 4.28
C GLY A 81 4.97 -16.53 5.53
N PRO A 82 5.52 -15.36 5.84
CA PRO A 82 6.25 -15.11 7.06
C PRO A 82 5.34 -14.84 8.27
N LEU A 83 4.01 -15.03 8.22
CA LEU A 83 3.12 -14.53 9.24
C LEU A 83 2.76 -15.57 10.25
N ASP A 84 2.61 -15.23 11.52
CA ASP A 84 2.13 -16.19 12.48
C ASP A 84 0.70 -15.73 12.71
N GLY A 85 -0.29 -16.55 12.44
CA GLY A 85 -1.65 -16.13 12.73
C GLY A 85 -2.31 -15.35 11.60
N THR A 86 -3.56 -15.01 11.88
CA THR A 86 -4.46 -14.42 10.91
C THR A 86 -4.42 -12.90 10.93
N TYR A 87 -4.18 -12.33 9.76
CA TYR A 87 -4.23 -10.90 9.61
C TYR A 87 -5.48 -10.57 8.79
N ARG A 88 -6.33 -9.67 9.26
CA ARG A 88 -7.59 -9.29 8.63
C ARG A 88 -7.47 -8.08 7.68
N LEU A 89 -8.02 -8.06 6.46
CA LEU A 89 -7.96 -6.89 5.58
C LEU A 89 -8.91 -5.81 6.09
N ILE A 90 -8.39 -4.61 6.28
CA ILE A 90 -9.21 -3.48 6.69
C ILE A 90 -9.36 -2.48 5.54
N GLN A 91 -8.37 -2.25 4.67
CA GLN A 91 -8.40 -1.24 3.61
C GLN A 91 -7.30 -1.45 2.59
N PHE A 92 -7.42 -0.83 1.40
CA PHE A 92 -6.33 -0.75 0.47
C PHE A 92 -6.30 0.63 -0.15
N HIS A 93 -5.14 1.09 -0.59
CA HIS A 93 -4.88 2.41 -1.17
C HIS A 93 -3.73 2.26 -2.14
N PHE A 94 -3.45 3.29 -2.93
CA PHE A 94 -2.37 3.25 -3.90
C PHE A 94 -1.45 4.44 -3.66
N HIS A 95 -0.26 4.41 -4.27
CA HIS A 95 0.68 5.54 -4.28
C HIS A 95 1.01 5.60 -5.76
N TRP A 96 1.08 6.79 -6.40
CA TRP A 96 1.28 6.88 -7.84
C TRP A 96 2.02 8.15 -8.18
N GLY A 97 2.49 8.28 -9.43
CA GLY A 97 3.31 9.42 -9.79
C GLY A 97 2.65 10.30 -10.85
N SER A 98 3.31 11.41 -11.15
CA SER A 98 2.85 12.33 -12.18
C SER A 98 3.24 11.87 -13.58
N LEU A 99 4.08 10.85 -13.67
CA LEU A 99 4.64 10.38 -14.92
C LEU A 99 4.76 8.88 -14.74
N ASP A 100 4.67 8.06 -15.78
CA ASP A 100 4.71 6.60 -15.62
C ASP A 100 5.96 5.94 -15.07
N GLY A 101 7.08 6.64 -14.90
CA GLY A 101 8.30 6.00 -14.46
C GLY A 101 8.63 6.33 -13.02
N GLN A 102 7.63 6.71 -12.26
CA GLN A 102 7.76 6.97 -10.85
C GLN A 102 6.39 6.77 -10.26
N GLY A 103 6.32 6.53 -8.96
CA GLY A 103 5.06 6.30 -8.30
C GLY A 103 5.13 5.24 -7.23
N SER A 104 5.80 4.12 -7.52
CA SER A 104 5.96 3.10 -6.51
C SER A 104 6.83 3.62 -5.35
N GLU A 105 6.65 3.04 -4.18
CA GLU A 105 7.43 3.38 -3.01
C GLU A 105 8.64 2.46 -2.92
N HIS A 106 8.39 1.14 -2.86
CA HIS A 106 9.45 0.14 -2.95
C HIS A 106 9.96 0.19 -4.37
N THR A 107 11.26 -0.04 -4.56
CA THR A 107 11.85 -0.13 -5.89
C THR A 107 12.51 -1.50 -6.01
N VAL A 108 12.77 -2.03 -7.22
CA VAL A 108 13.41 -3.34 -7.38
C VAL A 108 14.62 -3.04 -8.21
N ASP A 109 15.81 -3.18 -7.62
CA ASP A 109 17.08 -2.88 -8.29
C ASP A 109 17.07 -1.49 -8.86
N LYS A 110 16.64 -0.62 -7.97
CA LYS A 110 16.37 0.79 -8.16
C LYS A 110 15.36 1.17 -9.23
N LYS A 111 14.66 0.21 -9.85
CA LYS A 111 13.64 0.50 -10.84
C LYS A 111 12.34 0.85 -10.11
N LYS A 112 11.78 1.97 -10.58
CA LYS A 112 10.53 2.50 -10.05
C LYS A 112 9.41 2.12 -11.00
N TYR A 113 8.25 1.84 -10.45
CA TYR A 113 7.07 1.46 -11.22
C TYR A 113 6.11 2.64 -11.20
N ALA A 114 5.03 2.58 -11.98
CA ALA A 114 4.06 3.66 -12.07
C ALA A 114 3.20 3.84 -10.82
N ALA A 115 2.95 2.77 -10.07
CA ALA A 115 2.18 2.89 -8.85
C ALA A 115 2.40 1.66 -7.99
N GLU A 116 1.92 1.72 -6.75
CA GLU A 116 1.99 0.59 -5.85
C GLU A 116 0.72 0.53 -5.01
N LEU A 117 0.15 -0.65 -4.94
CA LEU A 117 -1.05 -0.95 -4.21
C LEU A 117 -0.69 -1.57 -2.86
N HIS A 118 -1.30 -1.04 -1.80
CA HIS A 118 -1.04 -1.55 -0.46
C HIS A 118 -2.32 -2.10 0.12
N LEU A 119 -2.34 -3.40 0.43
CA LEU A 119 -3.50 -4.02 1.05
C LEU A 119 -3.13 -4.17 2.50
N VAL A 120 -3.79 -3.40 3.35
CA VAL A 120 -3.42 -3.28 4.75
C VAL A 120 -4.18 -4.26 5.63
N HIS A 121 -3.48 -5.09 6.41
CA HIS A 121 -4.11 -6.09 7.26
C HIS A 121 -3.66 -6.00 8.70
N TRP A 122 -4.46 -6.33 9.72
CA TRP A 122 -3.97 -6.30 11.10
C TRP A 122 -4.11 -7.64 11.78
N ASN A 123 -3.22 -7.89 12.73
CA ASN A 123 -3.11 -9.16 13.43
C ASN A 123 -4.27 -9.35 14.40
N THR A 124 -5.16 -10.32 14.14
CA THR A 124 -6.32 -10.48 14.99
C THR A 124 -6.05 -10.82 16.46
N LYS A 125 -4.86 -11.29 16.87
CA LYS A 125 -4.68 -11.56 18.30
C LYS A 125 -4.71 -10.31 19.18
N TYR A 126 -4.55 -9.12 18.58
CA TYR A 126 -4.61 -7.88 19.33
C TYR A 126 -6.03 -7.29 19.36
N GLY A 127 -7.01 -7.95 18.75
CA GLY A 127 -8.40 -7.55 18.92
C GLY A 127 -8.89 -6.42 18.04
N ASP A 128 -8.18 -5.29 17.92
CA ASP A 128 -8.66 -4.21 17.08
C ASP A 128 -7.45 -3.55 16.45
N PHE A 129 -7.64 -2.75 15.39
CA PHE A 129 -6.54 -2.10 14.68
C PHE A 129 -5.70 -1.21 15.59
N GLY A 130 -6.38 -0.49 16.48
CA GLY A 130 -5.74 0.44 17.40
C GLY A 130 -4.71 -0.27 18.27
N LYS A 131 -4.98 -1.49 18.73
CA LYS A 131 -4.04 -2.21 19.55
C LYS A 131 -2.95 -2.78 18.65
N ALA A 132 -3.28 -3.25 17.43
CA ALA A 132 -2.28 -3.81 16.54
C ALA A 132 -1.16 -2.82 16.20
N VAL A 133 -1.42 -1.53 16.03
CA VAL A 133 -0.33 -0.59 15.79
C VAL A 133 0.51 -0.33 17.06
N GLN A 134 0.27 -0.98 18.19
CA GLN A 134 1.15 -0.84 19.33
C GLN A 134 2.09 -2.05 19.34
N GLN A 135 2.06 -2.92 18.32
CA GLN A 135 2.85 -4.16 18.36
C GLN A 135 3.84 -4.27 17.22
N PRO A 136 5.03 -4.92 17.29
CA PRO A 136 5.99 -5.03 16.20
C PRO A 136 5.60 -5.91 15.01
N ASP A 137 4.64 -6.80 15.25
CA ASP A 137 4.14 -7.73 14.26
C ASP A 137 2.62 -7.53 14.11
N GLY A 138 2.19 -6.30 14.33
CA GLY A 138 0.78 -5.99 14.36
C GLY A 138 0.15 -5.91 13.00
N LEU A 139 0.89 -5.51 11.96
CA LEU A 139 0.30 -5.31 10.65
C LEU A 139 1.08 -6.05 9.60
N ALA A 140 0.41 -6.44 8.53
CA ALA A 140 1.10 -6.98 7.38
C ALA A 140 0.54 -6.17 6.22
N VAL A 141 1.37 -5.60 5.37
CA VAL A 141 0.86 -4.90 4.20
C VAL A 141 1.35 -5.74 3.03
N LEU A 142 0.44 -6.08 2.12
CA LEU A 142 0.75 -6.78 0.89
C LEU A 142 0.96 -5.70 -0.19
N GLY A 143 2.14 -5.54 -0.78
CA GLY A 143 2.45 -4.50 -1.74
C GLY A 143 2.53 -5.11 -3.13
N ILE A 144 1.80 -4.55 -4.10
CA ILE A 144 1.76 -5.03 -5.46
C ILE A 144 2.16 -3.84 -6.31
N PHE A 145 3.01 -4.02 -7.30
CA PHE A 145 3.50 -3.01 -8.21
C PHE A 145 2.56 -2.89 -9.39
N LEU A 146 2.45 -1.71 -9.99
CA LEU A 146 1.61 -1.52 -11.14
C LEU A 146 2.51 -0.99 -12.23
N LYS A 147 2.42 -1.55 -13.44
CA LYS A 147 3.14 -1.01 -14.58
C LYS A 147 2.11 -0.74 -15.68
N VAL A 148 2.37 0.23 -16.54
CA VAL A 148 1.45 0.63 -17.61
C VAL A 148 1.50 -0.32 -18.81
N GLY A 149 0.39 -0.87 -19.23
CA GLY A 149 0.33 -1.74 -20.37
C GLY A 149 -1.14 -1.96 -20.64
N SER A 150 -1.55 -3.20 -20.59
CA SER A 150 -2.92 -3.58 -20.83
C SER A 150 -3.80 -3.21 -19.65
N ALA A 151 -5.07 -2.93 -19.94
CA ALA A 151 -6.04 -2.55 -18.94
C ALA A 151 -6.23 -3.68 -17.95
N LYS A 152 -6.37 -3.41 -16.66
CA LYS A 152 -6.71 -4.44 -15.71
C LYS A 152 -8.23 -4.30 -15.52
N PRO A 153 -9.07 -5.22 -16.00
CA PRO A 153 -10.53 -5.15 -15.91
C PRO A 153 -11.01 -4.90 -14.49
N GLY A 154 -10.48 -5.69 -13.55
CA GLY A 154 -10.82 -5.62 -12.12
C GLY A 154 -10.52 -4.29 -11.43
N LEU A 155 -9.76 -3.38 -12.05
CA LEU A 155 -9.51 -2.07 -11.48
C LEU A 155 -10.53 -1.06 -12.00
N GLN A 156 -11.33 -1.34 -13.03
CA GLN A 156 -12.18 -0.32 -13.63
C GLN A 156 -13.30 0.20 -12.74
N LYS A 157 -13.90 -0.61 -11.88
CA LYS A 157 -14.93 -0.18 -10.95
C LYS A 157 -14.39 0.88 -9.98
N VAL A 158 -13.11 0.83 -9.60
CA VAL A 158 -12.50 1.80 -8.71
C VAL A 158 -12.32 3.05 -9.57
N VAL A 159 -11.74 2.91 -10.76
CA VAL A 159 -11.46 4.05 -11.63
C VAL A 159 -12.72 4.83 -11.91
N ASP A 160 -13.83 4.15 -12.16
CA ASP A 160 -15.08 4.85 -12.40
C ASP A 160 -15.62 5.62 -11.21
N VAL A 161 -15.55 5.19 -9.95
CA VAL A 161 -16.08 5.99 -8.85
C VAL A 161 -15.22 7.22 -8.52
N LEU A 162 -14.01 7.42 -9.06
CA LEU A 162 -13.16 8.52 -8.58
C LEU A 162 -13.69 9.93 -8.84
N ASP A 163 -14.59 10.20 -9.79
CA ASP A 163 -15.14 11.56 -9.94
C ASP A 163 -15.97 11.92 -8.73
N SER A 164 -16.53 10.90 -8.09
CA SER A 164 -17.35 11.08 -6.91
C SER A 164 -16.60 11.48 -5.65
N ILE A 165 -15.27 11.30 -5.61
CA ILE A 165 -14.47 11.62 -4.42
C ILE A 165 -13.28 12.47 -4.84
N LYS A 166 -13.50 13.50 -5.66
CA LYS A 166 -12.37 14.22 -6.21
C LYS A 166 -11.57 14.99 -5.20
N THR A 167 -12.20 15.55 -4.18
CA THR A 167 -11.52 16.41 -3.22
C THR A 167 -11.51 15.81 -1.82
N LYS A 168 -10.60 16.28 -0.98
CA LYS A 168 -10.41 15.76 0.37
C LYS A 168 -11.64 15.74 1.26
N GLY A 169 -11.99 14.58 1.81
CA GLY A 169 -13.10 14.46 2.73
C GLY A 169 -14.32 13.79 2.11
N LYS A 170 -14.39 13.74 0.78
CA LYS A 170 -15.51 13.12 0.10
C LYS A 170 -15.44 11.61 0.21
N SER A 171 -16.58 10.94 0.19
CA SER A 171 -16.66 9.50 0.15
C SER A 171 -17.87 9.08 -0.67
N ALA A 172 -17.94 7.79 -0.99
CA ALA A 172 -19.04 7.23 -1.75
C ALA A 172 -19.21 5.80 -1.25
N ASP A 173 -20.41 5.21 -1.30
CA ASP A 173 -20.58 3.82 -0.92
C ASP A 173 -19.87 3.04 -2.02
N PHE A 174 -19.25 1.94 -1.62
CA PHE A 174 -18.48 1.19 -2.59
C PHE A 174 -18.54 -0.22 -2.06
N THR A 175 -19.66 -0.87 -2.34
CA THR A 175 -19.89 -2.22 -1.88
C THR A 175 -19.67 -3.22 -3.02
N ASN A 176 -19.50 -4.48 -2.63
CA ASN A 176 -19.28 -5.63 -3.50
C ASN A 176 -18.13 -5.44 -4.49
N PHE A 177 -17.01 -4.90 -4.00
CA PHE A 177 -15.81 -4.86 -4.80
C PHE A 177 -15.03 -6.06 -4.27
N ASP A 178 -14.55 -6.86 -5.21
CA ASP A 178 -13.81 -8.07 -4.93
C ASP A 178 -12.32 -7.81 -5.13
N PRO A 179 -11.46 -7.84 -4.10
CA PRO A 179 -10.03 -7.55 -4.23
C PRO A 179 -9.28 -8.56 -5.08
N ARG A 180 -9.78 -9.78 -5.22
CA ARG A 180 -9.11 -10.81 -6.02
C ARG A 180 -8.81 -10.37 -7.45
N GLY A 181 -9.51 -9.37 -7.97
CA GLY A 181 -9.28 -8.90 -9.33
C GLY A 181 -8.06 -8.02 -9.43
N LEU A 182 -7.28 -7.81 -8.36
CA LEU A 182 -6.08 -6.99 -8.34
C LEU A 182 -4.82 -7.82 -8.08
N LEU A 183 -4.98 -9.14 -7.96
CA LEU A 183 -3.84 -9.99 -7.67
C LEU A 183 -3.17 -10.43 -8.99
N PRO A 184 -1.82 -10.47 -9.07
CA PRO A 184 -1.10 -11.04 -10.19
C PRO A 184 -1.26 -12.54 -10.16
N GLU A 185 -0.72 -13.21 -11.16
CA GLU A 185 -0.84 -14.66 -11.23
C GLU A 185 -0.06 -15.35 -10.12
N SER A 186 1.19 -14.89 -9.91
CA SER A 186 2.09 -15.49 -8.94
C SER A 186 2.06 -14.85 -7.58
N LEU A 187 2.10 -15.68 -6.55
CA LEU A 187 2.17 -15.15 -5.21
C LEU A 187 3.59 -15.19 -4.67
N ASP A 188 4.62 -15.22 -5.53
CA ASP A 188 6.01 -15.12 -5.05
C ASP A 188 6.28 -13.72 -4.53
N TYR A 189 7.00 -13.69 -3.42
CA TYR A 189 7.21 -12.48 -2.67
C TYR A 189 8.60 -12.34 -2.04
N TRP A 190 8.90 -11.07 -1.76
CA TRP A 190 10.02 -10.70 -0.91
C TRP A 190 9.32 -10.23 0.38
N THR A 191 10.02 -10.22 1.50
CA THR A 191 9.45 -9.82 2.78
C THR A 191 10.58 -9.32 3.68
N TYR A 192 10.25 -8.30 4.47
CA TYR A 192 11.21 -7.71 5.37
C TYR A 192 10.42 -6.99 6.48
N PRO A 193 10.97 -6.76 7.67
CA PRO A 193 10.30 -6.00 8.72
C PRO A 193 10.40 -4.50 8.49
N GLY A 194 9.27 -3.79 8.41
CA GLY A 194 9.25 -2.36 8.13
C GLY A 194 8.30 -1.51 8.97
N SER A 195 7.76 -0.46 8.34
CA SER A 195 6.87 0.51 8.99
C SER A 195 5.81 1.01 8.01
N LEU A 196 4.87 1.83 8.49
CA LEU A 196 3.90 2.54 7.63
C LEU A 196 4.75 3.52 6.82
N THR A 197 4.37 3.86 5.58
CA THR A 197 5.18 4.76 4.81
C THR A 197 4.66 6.20 4.79
N THR A 198 3.61 6.47 5.56
CA THR A 198 3.14 7.83 5.75
C THR A 198 3.12 8.01 7.27
N PRO A 199 3.15 9.23 7.84
CA PRO A 199 2.84 9.48 9.23
C PRO A 199 1.64 8.67 9.69
N PRO A 200 1.66 8.07 10.89
CA PRO A 200 2.70 8.24 11.89
C PRO A 200 3.96 7.38 11.74
N LEU A 201 4.20 6.67 10.64
CA LEU A 201 5.45 5.91 10.39
C LEU A 201 5.79 4.88 11.47
N LEU A 202 4.74 4.27 12.06
CA LEU A 202 4.94 3.32 13.15
C LEU A 202 5.63 2.11 12.59
N GLU A 203 6.54 1.55 13.35
CA GLU A 203 7.32 0.41 12.94
C GLU A 203 6.63 -0.85 13.45
N CYS A 204 5.57 -1.23 12.75
CA CYS A 204 4.75 -2.35 13.16
C CYS A 204 4.47 -3.29 12.00
N VAL A 205 5.09 -3.08 10.84
CA VAL A 205 4.66 -3.76 9.63
C VAL A 205 5.58 -4.88 9.17
N THR A 206 4.99 -5.99 8.70
CA THR A 206 5.70 -7.05 8.02
C THR A 206 5.33 -6.79 6.58
N TRP A 207 6.31 -6.37 5.79
CA TRP A 207 6.06 -6.09 4.40
C TRP A 207 6.18 -7.35 3.59
N ILE A 208 5.17 -7.57 2.74
CA ILE A 208 5.21 -8.68 1.80
C ILE A 208 5.02 -8.00 0.47
N VAL A 209 6.07 -7.94 -0.33
CA VAL A 209 6.03 -7.29 -1.62
C VAL A 209 6.06 -8.37 -2.70
N LEU A 210 5.08 -8.39 -3.59
CA LEU A 210 5.00 -9.38 -4.63
C LEU A 210 5.94 -9.09 -5.78
N LYS A 211 6.55 -10.16 -6.22
CA LYS A 211 7.48 -10.13 -7.34
C LYS A 211 6.82 -9.64 -8.62
N GLU A 212 5.63 -10.15 -8.96
CA GLU A 212 4.99 -9.88 -10.23
C GLU A 212 4.06 -8.65 -10.23
N PRO A 213 4.29 -7.68 -11.11
CA PRO A 213 3.48 -6.48 -11.23
C PRO A 213 2.15 -6.84 -11.90
N ILE A 214 1.09 -6.10 -11.62
CA ILE A 214 -0.12 -6.23 -12.42
C ILE A 214 0.07 -5.13 -13.46
N SER A 215 -0.57 -5.21 -14.62
CA SER A 215 -0.48 -4.05 -15.49
C SER A 215 -1.85 -3.37 -15.54
N VAL A 216 -1.82 -2.05 -15.73
CA VAL A 216 -3.02 -1.20 -15.82
C VAL A 216 -2.84 -0.33 -17.07
N SER A 217 -3.88 0.19 -17.71
CA SER A 217 -3.66 1.02 -18.90
C SER A 217 -3.26 2.43 -18.50
N SER A 218 -2.68 3.12 -19.47
CA SER A 218 -2.32 4.50 -19.30
C SER A 218 -3.52 5.35 -18.90
N GLU A 219 -4.71 5.11 -19.49
CA GLU A 219 -5.90 5.88 -19.11
C GLU A 219 -6.48 5.50 -17.77
N GLN A 220 -6.28 4.24 -17.31
CA GLN A 220 -6.58 3.91 -15.93
C GLN A 220 -5.62 4.71 -15.02
N VAL A 221 -4.31 4.81 -15.24
CA VAL A 221 -3.46 5.58 -14.34
C VAL A 221 -3.76 7.08 -14.44
N LEU A 222 -4.12 7.59 -15.64
CA LEU A 222 -4.41 9.02 -15.80
C LEU A 222 -5.52 9.53 -14.92
N LYS A 223 -6.51 8.69 -14.63
CA LYS A 223 -7.60 9.11 -13.78
C LYS A 223 -7.20 9.26 -12.32
N PHE A 224 -6.17 8.53 -11.87
CA PHE A 224 -5.67 8.66 -10.50
C PHE A 224 -5.12 10.05 -10.31
N ARG A 225 -4.49 10.58 -11.36
CA ARG A 225 -3.85 11.90 -11.35
C ARG A 225 -4.81 13.08 -11.41
N LYS A 226 -6.11 12.85 -11.53
CA LYS A 226 -7.09 13.92 -11.61
C LYS A 226 -7.67 14.19 -10.23
N LEU A 227 -7.25 13.43 -9.19
CA LEU A 227 -7.75 13.64 -7.85
C LEU A 227 -7.06 14.82 -7.21
N ASN A 228 -7.61 15.27 -6.10
CA ASN A 228 -7.09 16.44 -5.44
C ASN A 228 -6.74 16.19 -3.98
N PHE A 229 -5.62 16.78 -3.60
CA PHE A 229 -5.11 16.78 -2.24
C PHE A 229 -5.97 17.74 -1.43
N ASN A 230 -6.33 18.84 -2.08
CA ASN A 230 -7.12 19.90 -1.49
C ASN A 230 -8.57 19.50 -1.26
N GLY A 231 -9.15 20.09 -0.23
CA GLY A 231 -10.57 19.99 0.00
C GLY A 231 -11.28 20.94 -0.98
N GLU A 232 -12.59 20.75 -1.07
CA GLU A 232 -13.45 21.48 -1.96
C GLU A 232 -13.38 23.00 -1.84
N GLY A 233 -13.30 23.69 -2.96
CA GLY A 233 -13.24 25.13 -2.94
C GLY A 233 -11.92 25.71 -2.42
N GLU A 234 -10.79 25.02 -2.59
CA GLU A 234 -9.49 25.60 -2.26
C GLU A 234 -8.68 25.60 -3.54
N PRO A 235 -7.49 26.25 -3.68
CA PRO A 235 -6.57 26.10 -4.80
C PRO A 235 -6.37 24.63 -5.20
N GLU A 236 -6.54 24.31 -6.49
CA GLU A 236 -6.45 22.93 -6.92
C GLU A 236 -5.04 22.42 -6.86
N GLU A 237 -4.88 21.25 -6.25
CA GLU A 237 -3.59 20.68 -6.07
C GLU A 237 -3.67 19.20 -6.45
N LEU A 238 -3.23 18.85 -7.66
CA LEU A 238 -3.37 17.50 -8.15
C LEU A 238 -2.60 16.50 -7.30
N MET A 239 -3.30 15.40 -7.03
CA MET A 239 -2.79 14.31 -6.22
C MET A 239 -1.97 13.42 -7.14
N VAL A 240 -0.71 13.79 -7.16
CA VAL A 240 0.31 13.08 -7.90
C VAL A 240 1.49 12.99 -6.97
N ASP A 241 2.31 11.95 -7.14
CA ASP A 241 3.55 11.81 -6.39
C ASP A 241 3.35 11.73 -4.89
N ASN A 242 2.39 10.90 -4.48
CA ASN A 242 2.17 10.74 -3.07
C ASN A 242 2.99 9.52 -2.60
N TRP A 243 4.32 9.52 -2.77
CA TRP A 243 5.13 8.40 -2.37
C TRP A 243 6.36 8.87 -1.62
N ARG A 244 6.86 7.99 -0.75
CA ARG A 244 8.02 8.25 0.06
C ARG A 244 9.25 7.64 -0.62
N PRO A 245 10.39 8.34 -0.69
CA PRO A 245 11.62 7.83 -1.26
C PRO A 245 12.09 6.64 -0.43
N ALA A 246 12.89 5.75 -1.03
CA ALA A 246 13.45 4.60 -0.33
C ALA A 246 14.33 5.01 0.85
N GLN A 247 14.17 4.26 1.94
CA GLN A 247 14.88 4.49 3.16
C GLN A 247 16.06 3.50 3.36
N PRO A 248 17.04 3.72 4.25
CA PRO A 248 18.11 2.79 4.53
C PRO A 248 17.62 1.48 5.13
N LEU A 249 18.15 0.43 4.53
CA LEU A 249 17.88 -0.91 5.02
C LEU A 249 18.43 -1.05 6.44
N LYS A 250 19.56 -0.43 6.83
CA LYS A 250 20.04 -0.50 8.22
C LYS A 250 20.10 -1.90 8.85
N ASN A 251 20.77 -2.88 8.25
CA ASN A 251 20.96 -4.19 8.88
C ASN A 251 19.76 -5.15 8.93
N ARG A 252 18.66 -4.81 8.27
CA ARG A 252 17.58 -5.75 8.04
C ARG A 252 17.95 -6.65 6.85
N GLN A 253 17.40 -7.82 6.68
CA GLN A 253 17.69 -8.63 5.52
C GLN A 253 16.36 -8.78 4.82
N ILE A 254 16.34 -8.76 3.50
CA ILE A 254 15.13 -9.05 2.75
C ILE A 254 15.19 -10.53 2.39
N LYS A 255 14.18 -11.31 2.74
CA LYS A 255 14.12 -12.73 2.39
C LYS A 255 13.27 -12.91 1.12
N ALA A 256 13.50 -13.87 0.25
CA ALA A 256 12.72 -14.08 -0.95
C ALA A 256 12.10 -15.46 -0.81
N SER A 257 10.89 -15.69 -1.33
CA SER A 257 10.29 -17.00 -1.25
C SER A 257 10.63 -17.86 -2.48
N PHE A 258 11.47 -17.34 -3.37
CA PHE A 258 11.76 -17.94 -4.67
C PHE A 258 13.23 -17.70 -5.00
ZN ZN B . 0.59 2.86 1.37
HG MMC C . 4.55 -1.03 16.44
C MMC C . 5.89 -1.27 18.00
S1 PTS D . -1.29 1.84 6.13
C2 PTS D . -0.19 2.81 5.29
C3 PTS D . -0.16 4.13 5.80
C4 PTS D . -1.08 4.30 6.88
C5 PTS D . -1.31 5.61 7.60
C6 PTS D . -2.13 5.41 8.92
C7 PTS D . -3.39 4.57 8.71
S8 PTS D . -2.88 2.90 8.40
C9 PTS D . -1.81 3.12 7.11
S10 PTS D . 1.00 2.18 4.20
O11 PTS D . 0.50 1.06 3.47
O12 PTS D . 2.24 2.00 4.90
N13 PTS D . 1.33 3.37 2.99
N14 PTS D . -2.05 6.58 6.75
C15 PTS D . -4.27 4.48 9.96
O16 PTS D . -4.05 2.16 8.00
O17 PTS D . -2.15 2.46 9.56
#